data_6D2Y
#
_entry.id   6D2Y
#
_cell.length_a   82.900
_cell.length_b   82.900
_cell.length_c   152.470
_cell.angle_alpha   90.00
_cell.angle_beta   90.00
_cell.angle_gamma   90.00
#
_symmetry.space_group_name_H-M   'P 41 21 2'
#
loop_
_entity.id
_entity.type
_entity.pdbx_description
1 polymer 'PbSGBP-B lipoprotein'
2 non-polymer 'MAGNESIUM ION'
3 non-polymer GLYCEROL
4 water water
#
_entity_poly.entity_id   1
_entity_poly.type   'polypeptide(L)'
_entity_poly.pdbx_seq_one_letter_code
;(MSE)KIKNITWSF(MSE)IALTAVGSGFTSCADQPDKFELASGTPTVYYIRPVDVASKDSLLTSASLQSTICLVGDNLK
SIKGILFNDQAAVLNTSYITDHTLIVSVPNEIPSVVTDK(MSE)Y(MSE)ITASNDTIPYDFQVTISAPSVVS(MSE)SN
EWAKAGEEVTITGDYFLDYDNYPLEIKVGKDYTLPREAITSIEKTKITFT(MSE)PED(MSE)PQHEDIVVSDKYGSTNA
PFQY(MSE)DNRG(MSE)LFDFDTPNSVTNEVLGNSGWHDRIIQSDDTSLSGNY(MSE)QIGNTGVT(MSE)AANGKWND
EFSFEYWAGNWANPETYASHPRLCDVADFSDWTNKSLKFE(MSE)LIPADAGWGAGP(MSE)QIIFGSPSQISLGNAGVV
DVNGVTLAGCNNTWFHAQNGWGRAIY(MSE)PWYSNSSASLYDTGDKWVTVTIPLSDFNLEFDGNSATKSFSSINDFSSL
NIFLIKGAYNDKSVLPDGVECTPIIKIDNIRVVPNK
;
_entity_poly.pdbx_strand_id   A
#
# COMPACT_ATOMS: atom_id res chain seq x y z
N LEU A 33 37.14 -3.47 -37.63
CA LEU A 33 38.41 -4.11 -37.98
C LEU A 33 38.18 -5.26 -38.95
N ALA A 34 37.45 -6.28 -38.50
CA ALA A 34 37.23 -7.46 -39.31
C ALA A 34 36.29 -7.16 -40.47
N SER A 35 36.11 -8.16 -41.33
CA SER A 35 35.23 -8.06 -42.49
C SER A 35 34.34 -9.29 -42.56
N GLY A 36 33.18 -9.12 -43.20
CA GLY A 36 32.19 -10.17 -43.32
C GLY A 36 30.93 -9.83 -42.53
N THR A 37 29.96 -10.73 -42.65
CA THR A 37 28.68 -10.56 -41.97
C THR A 37 28.69 -11.33 -40.66
N PRO A 38 28.48 -10.66 -39.53
CA PRO A 38 28.53 -11.38 -38.24
C PRO A 38 27.33 -12.30 -38.07
N THR A 39 27.60 -13.47 -37.48
CA THR A 39 26.57 -14.44 -37.15
C THR A 39 26.67 -14.79 -35.67
N VAL A 40 25.56 -15.26 -35.11
CA VAL A 40 25.49 -15.68 -33.71
C VAL A 40 24.90 -17.07 -33.65
N TYR A 41 25.69 -18.03 -33.15
CA TYR A 41 25.18 -19.38 -33.01
C TYR A 41 24.31 -19.53 -31.77
N TYR A 42 24.73 -18.92 -30.66
CA TYR A 42 23.92 -18.88 -29.44
C TYR A 42 24.52 -17.84 -28.51
N ILE A 43 23.81 -17.58 -27.42
CA ILE A 43 24.23 -16.63 -26.39
C ILE A 43 24.30 -17.38 -25.06
N ARG A 44 25.43 -17.25 -24.37
CA ARG A 44 25.68 -17.90 -23.10
C ARG A 44 26.01 -16.87 -22.03
N PRO A 45 25.82 -17.20 -20.76
CA PRO A 45 26.19 -16.26 -19.69
C PRO A 45 27.70 -16.08 -19.61
N VAL A 46 28.11 -15.06 -18.86
CA VAL A 46 29.52 -14.72 -18.74
C VAL A 46 30.15 -15.24 -17.45
N ASP A 47 29.37 -15.45 -16.40
CA ASP A 47 29.95 -15.94 -15.16
C ASP A 47 30.08 -17.47 -15.20
N VAL A 48 31.00 -17.98 -14.38
CA VAL A 48 31.37 -19.39 -14.46
C VAL A 48 30.29 -20.28 -13.85
N ALA A 49 29.79 -19.90 -12.67
CA ALA A 49 28.86 -20.74 -11.91
C ALA A 49 27.41 -20.53 -12.29
N SER A 50 27.11 -20.27 -13.56
CA SER A 50 25.75 -20.00 -13.99
C SER A 50 24.94 -21.29 -14.10
N LYS A 51 23.64 -21.16 -13.83
CA LYS A 51 22.73 -22.28 -14.04
C LYS A 51 22.58 -22.59 -15.53
N ASP A 52 22.48 -21.55 -16.36
CA ASP A 52 22.20 -21.69 -17.77
C ASP A 52 23.47 -21.86 -18.59
N SER A 53 23.37 -22.65 -19.65
CA SER A 53 24.42 -22.73 -20.66
C SER A 53 24.03 -21.99 -21.93
N LEU A 54 22.80 -21.48 -22.02
CA LEU A 54 22.33 -20.76 -23.18
C LEU A 54 21.20 -19.83 -22.73
N LEU A 55 21.14 -18.65 -23.34
CA LEU A 55 20.18 -17.62 -22.97
C LEU A 55 19.39 -17.19 -24.20
N THR A 56 18.07 -17.20 -24.09
CA THR A 56 17.20 -16.54 -25.05
C THR A 56 16.67 -15.21 -24.52
N SER A 57 17.03 -14.85 -23.28
CA SER A 57 16.60 -13.61 -22.65
C SER A 57 17.64 -13.20 -21.62
N ALA A 58 17.53 -11.96 -21.16
CA ALA A 58 18.45 -11.46 -20.13
C ALA A 58 17.87 -10.18 -19.53
N SER A 59 18.12 -9.99 -18.24
CA SER A 59 17.63 -8.81 -17.56
C SER A 59 18.46 -7.59 -17.93
N LEU A 60 18.00 -6.43 -17.48
CA LEU A 60 18.80 -5.21 -17.65
C LEU A 60 20.09 -5.32 -16.86
N GLN A 61 21.16 -4.76 -17.42
CA GLN A 61 22.52 -4.77 -16.88
C GLN A 61 23.14 -6.16 -16.85
N SER A 62 22.47 -7.18 -17.38
CA SER A 62 23.05 -8.51 -17.42
C SER A 62 24.16 -8.56 -18.46
N THR A 63 25.26 -9.20 -18.09
CA THR A 63 26.40 -9.36 -18.99
C THR A 63 26.29 -10.72 -19.67
N ILE A 64 26.18 -10.71 -21.00
CA ILE A 64 26.02 -11.92 -21.80
C ILE A 64 27.21 -12.04 -22.76
N CYS A 65 27.39 -13.25 -23.30
CA CYS A 65 28.49 -13.53 -24.21
C CYS A 65 27.92 -14.14 -25.48
N LEU A 66 28.19 -13.49 -26.61
CA LEU A 66 27.75 -13.99 -27.91
C LEU A 66 28.72 -15.05 -28.41
N VAL A 67 28.18 -16.08 -29.05
CA VAL A 67 28.98 -17.16 -29.60
C VAL A 67 28.63 -17.27 -31.08
N GLY A 68 29.47 -16.69 -31.92
CA GLY A 68 29.29 -16.71 -33.37
C GLY A 68 30.61 -16.55 -34.07
N ASP A 69 30.62 -16.19 -35.34
CA ASP A 69 31.85 -15.95 -36.09
C ASP A 69 31.80 -14.57 -36.75
N ASN A 70 32.99 -14.07 -37.09
CA ASN A 70 33.17 -12.72 -37.65
C ASN A 70 32.52 -11.66 -36.76
N LEU A 71 32.62 -11.87 -35.44
CA LEU A 71 31.98 -10.98 -34.49
C LEU A 71 32.67 -9.62 -34.41
N LYS A 72 33.89 -9.49 -34.92
CA LYS A 72 34.55 -8.20 -34.91
C LYS A 72 34.15 -7.31 -36.09
N SER A 73 33.25 -7.79 -36.95
CA SER A 73 32.58 -6.93 -37.92
C SER A 73 31.48 -6.10 -37.29
N ILE A 74 31.14 -6.39 -36.03
CA ILE A 74 30.10 -5.66 -35.31
C ILE A 74 30.66 -4.33 -34.83
N LYS A 75 30.10 -3.23 -35.32
CA LYS A 75 30.48 -1.91 -34.82
C LYS A 75 29.57 -1.44 -33.69
N GLY A 76 28.28 -1.72 -33.78
CA GLY A 76 27.36 -1.35 -32.73
C GLY A 76 26.36 -2.46 -32.48
N ILE A 77 25.81 -2.45 -31.26
CA ILE A 77 24.76 -3.38 -30.86
C ILE A 77 23.67 -2.57 -30.17
N LEU A 78 22.43 -2.75 -30.61
CA LEU A 78 21.28 -2.19 -29.90
C LEU A 78 20.38 -3.32 -29.43
N PHE A 79 20.01 -3.27 -28.16
CA PHE A 79 18.94 -4.09 -27.61
C PHE A 79 17.65 -3.28 -27.71
N ASN A 80 16.73 -3.71 -28.58
CA ASN A 80 15.52 -2.95 -28.91
C ASN A 80 15.99 -1.58 -29.44
N ASP A 81 15.65 -0.48 -28.79
CA ASP A 81 16.09 0.85 -29.21
C ASP A 81 17.20 1.39 -28.32
N GLN A 82 17.78 0.56 -27.45
CA GLN A 82 18.80 0.98 -26.52
C GLN A 82 20.16 0.54 -27.02
N ALA A 83 21.06 1.50 -27.21
CA ALA A 83 22.40 1.18 -27.69
C ALA A 83 23.26 0.64 -26.55
N ALA A 84 24.00 -0.42 -26.83
CA ALA A 84 24.92 -0.99 -25.88
C ALA A 84 26.31 -0.39 -26.05
N VAL A 85 27.15 -0.57 -25.03
CA VAL A 85 28.53 -0.10 -25.04
C VAL A 85 29.44 -1.30 -25.29
N LEU A 86 30.21 -1.22 -26.37
CA LEU A 86 31.10 -2.30 -26.78
C LEU A 86 32.52 -1.96 -26.35
N ASN A 87 33.14 -2.86 -25.60
CA ASN A 87 34.56 -2.75 -25.26
C ASN A 87 35.32 -3.63 -26.25
N THR A 88 36.10 -2.98 -27.13
CA THR A 88 36.87 -3.71 -28.14
C THR A 88 37.76 -4.78 -27.52
N SER A 89 38.22 -4.57 -26.29
CA SER A 89 39.19 -5.47 -25.68
C SER A 89 38.62 -6.85 -25.39
N TYR A 90 37.29 -6.99 -25.35
CA TYR A 90 36.65 -8.26 -25.04
C TYR A 90 35.78 -8.74 -26.19
N ILE A 91 36.22 -8.49 -27.42
CA ILE A 91 35.50 -8.92 -28.62
C ILE A 91 36.50 -9.68 -29.49
N THR A 92 36.53 -11.00 -29.34
CA THR A 92 37.23 -11.84 -30.30
C THR A 92 36.34 -12.04 -31.52
N ASP A 93 36.88 -12.71 -32.53
CA ASP A 93 36.07 -12.95 -33.73
C ASP A 93 35.09 -14.11 -33.55
N HIS A 94 35.13 -14.81 -32.41
CA HIS A 94 34.18 -15.86 -32.12
C HIS A 94 33.41 -15.64 -30.82
N THR A 95 33.81 -14.68 -30.00
CA THR A 95 33.09 -14.35 -28.78
C THR A 95 33.02 -12.84 -28.63
N LEU A 96 31.83 -12.35 -28.26
CA LEU A 96 31.63 -10.94 -27.93
C LEU A 96 30.86 -10.89 -26.61
N ILE A 97 31.41 -10.16 -25.64
CA ILE A 97 30.81 -10.00 -24.32
C ILE A 97 30.31 -8.57 -24.20
N VAL A 98 29.00 -8.42 -24.01
CA VAL A 98 28.35 -7.11 -23.90
C VAL A 98 27.29 -7.19 -22.82
N SER A 99 27.05 -6.07 -22.15
CA SER A 99 26.04 -5.98 -21.12
C SER A 99 24.79 -5.29 -21.67
N VAL A 100 23.63 -5.82 -21.30
CA VAL A 100 22.36 -5.23 -21.75
C VAL A 100 22.22 -3.84 -21.13
N PRO A 101 21.82 -2.82 -21.90
CA PRO A 101 21.65 -1.49 -21.32
C PRO A 101 20.63 -1.49 -20.19
N ASN A 102 20.74 -0.47 -19.34
CA ASN A 102 19.90 -0.40 -18.15
C ASN A 102 18.52 0.20 -18.43
N GLU A 103 18.40 1.01 -19.47
CA GLU A 103 17.17 1.75 -19.69
C GLU A 103 16.07 0.87 -20.26
N ILE A 104 14.85 1.13 -19.85
CA ILE A 104 13.68 0.41 -20.38
C ILE A 104 13.45 0.82 -21.84
N PRO A 105 13.28 -0.12 -22.76
CA PRO A 105 13.05 0.25 -24.16
C PRO A 105 11.67 0.86 -24.36
N SER A 106 11.63 1.93 -25.16
CA SER A 106 10.35 2.61 -25.44
C SER A 106 9.56 1.87 -26.52
N VAL A 107 10.25 1.37 -27.55
CA VAL A 107 9.65 0.51 -28.57
C VAL A 107 10.37 -0.83 -28.49
N VAL A 108 9.63 -1.89 -28.13
CA VAL A 108 10.21 -3.20 -27.92
C VAL A 108 9.93 -4.07 -29.15
N THR A 109 10.98 -4.69 -29.67
CA THR A 109 10.85 -5.59 -30.81
C THR A 109 11.40 -6.97 -30.52
N ASP A 110 11.95 -7.20 -29.32
CA ASP A 110 12.54 -8.49 -28.95
C ASP A 110 13.59 -8.92 -29.96
N LYS A 111 14.49 -8.00 -30.29
CA LYS A 111 15.61 -8.27 -31.18
C LYS A 111 16.82 -7.48 -30.71
N TYR A 113 20.00 -5.80 -32.42
CA TYR A 113 20.43 -5.39 -33.75
C TYR A 113 21.95 -5.26 -33.77
N ILE A 115 25.08 -3.93 -35.90
CA ILE A 115 25.37 -2.97 -36.97
C ILE A 115 26.84 -3.10 -37.37
N THR A 116 27.07 -3.29 -38.66
CA THR A 116 28.40 -3.40 -39.21
C THR A 116 28.97 -2.01 -39.48
N ALA A 117 30.20 -1.99 -40.00
CA ALA A 117 30.85 -0.73 -40.33
C ALA A 117 30.10 0.01 -41.44
N SER A 118 29.49 -0.72 -42.37
CA SER A 118 28.72 -0.11 -43.45
C SER A 118 27.30 0.25 -43.03
N ASN A 119 27.02 0.27 -41.73
CA ASN A 119 25.71 0.61 -41.17
C ASN A 119 24.61 -0.35 -41.61
N ASP A 120 24.98 -1.58 -41.99
CA ASP A 120 23.99 -2.61 -42.23
C ASP A 120 23.45 -3.14 -40.90
N THR A 121 22.19 -3.57 -40.91
CA THR A 121 21.51 -4.04 -39.71
C THR A 121 21.25 -5.54 -39.82
N ILE A 122 21.70 -6.29 -38.83
CA ILE A 122 21.50 -7.73 -38.78
C ILE A 122 20.79 -8.08 -37.48
N PRO A 123 19.50 -8.43 -37.53
CA PRO A 123 18.75 -8.65 -36.29
C PRO A 123 18.81 -10.08 -35.77
N TYR A 124 19.06 -10.23 -34.47
CA TYR A 124 19.05 -11.52 -33.80
C TYR A 124 17.96 -11.48 -32.75
N ASP A 125 16.96 -12.37 -32.88
CA ASP A 125 15.84 -12.38 -31.95
C ASP A 125 16.33 -12.66 -30.53
N PHE A 126 16.03 -11.73 -29.61
CA PHE A 126 16.50 -11.82 -28.23
C PHE A 126 15.66 -10.89 -27.38
N GLN A 127 15.15 -11.40 -26.25
CA GLN A 127 14.25 -10.63 -25.40
C GLN A 127 15.01 -10.02 -24.24
N VAL A 128 14.65 -8.78 -23.90
CA VAL A 128 15.19 -8.10 -22.74
C VAL A 128 14.17 -8.24 -21.62
N THR A 129 14.51 -8.98 -20.58
CA THR A 129 13.59 -9.25 -19.49
C THR A 129 13.40 -8.01 -18.62
N ILE A 130 12.15 -7.59 -18.46
CA ILE A 130 11.79 -6.44 -17.64
C ILE A 130 10.89 -6.93 -16.52
N SER A 131 11.01 -6.28 -15.36
CA SER A 131 10.21 -6.65 -14.20
C SER A 131 8.72 -6.55 -14.51
N ALA A 132 7.95 -7.49 -13.94
CA ALA A 132 6.50 -7.46 -14.05
C ALA A 132 5.96 -6.24 -13.32
N PRO A 133 4.72 -5.84 -13.60
CA PRO A 133 4.15 -4.67 -12.92
C PRO A 133 4.04 -4.92 -11.42
N SER A 134 4.27 -3.86 -10.65
CA SER A 134 4.07 -3.87 -9.21
C SER A 134 2.89 -2.96 -8.89
N VAL A 135 1.93 -3.47 -8.14
CA VAL A 135 0.72 -2.73 -7.78
C VAL A 135 0.76 -2.48 -6.28
N VAL A 136 0.64 -1.22 -5.89
CA VAL A 136 0.74 -0.87 -4.48
C VAL A 136 -0.58 -0.32 -3.95
N SER A 137 -1.08 0.75 -4.57
CA SER A 137 -2.23 1.45 -3.99
C SER A 137 -3.21 1.86 -5.08
N SER A 139 -6.26 4.90 -5.63
CA SER A 139 -6.59 6.19 -5.05
C SER A 139 -7.81 6.09 -4.14
N ASN A 140 -8.88 5.49 -4.64
CA ASN A 140 -10.09 5.26 -3.83
C ASN A 140 -10.61 3.88 -4.22
N GLU A 141 -10.37 2.89 -3.36
CA GLU A 141 -10.91 1.57 -3.62
C GLU A 141 -12.43 1.54 -3.64
N TRP A 142 -13.09 2.59 -3.11
CA TRP A 142 -14.54 2.71 -3.15
C TRP A 142 -15.01 3.84 -4.06
N ALA A 143 -14.35 4.00 -5.20
CA ALA A 143 -14.69 5.06 -6.12
C ALA A 143 -15.98 4.76 -6.85
N LYS A 144 -16.86 5.75 -6.93
CA LYS A 144 -18.12 5.61 -7.63
C LYS A 144 -17.93 5.76 -9.13
N ALA A 145 -18.96 5.38 -9.88
CA ALA A 145 -18.89 5.42 -11.34
C ALA A 145 -18.72 6.85 -11.83
N GLY A 146 -17.73 7.06 -12.71
CA GLY A 146 -17.44 8.35 -13.27
C GLY A 146 -16.29 9.08 -12.60
N GLU A 147 -15.88 8.64 -11.41
CA GLU A 147 -14.78 9.29 -10.70
C GLU A 147 -13.44 8.93 -11.34
N GLU A 148 -12.48 9.84 -11.21
CA GLU A 148 -11.13 9.60 -11.72
C GLU A 148 -10.37 8.74 -10.71
N VAL A 149 -9.88 7.59 -11.16
CA VAL A 149 -9.17 6.65 -10.31
C VAL A 149 -7.74 6.54 -10.79
N THR A 150 -6.80 6.52 -9.85
CA THR A 150 -5.39 6.33 -10.15
C THR A 150 -4.85 5.14 -9.37
N ILE A 151 -4.11 4.27 -10.06
CA ILE A 151 -3.47 3.10 -9.45
C ILE A 151 -1.97 3.36 -9.46
N THR A 152 -1.37 3.35 -8.27
CA THR A 152 0.05 3.65 -8.12
C THR A 152 0.86 2.38 -7.97
N GLY A 153 2.03 2.36 -8.60
CA GLY A 153 2.92 1.22 -8.52
C GLY A 153 4.21 1.43 -9.27
N ASP A 154 4.60 0.46 -10.10
CA ASP A 154 5.83 0.56 -10.87
C ASP A 154 5.75 -0.41 -12.04
N TYR A 155 6.56 -0.11 -13.06
CA TYR A 155 6.68 -0.94 -14.25
C TYR A 155 5.34 -1.13 -14.97
N PHE A 156 4.58 -0.03 -15.06
CA PHE A 156 3.38 0.02 -15.90
C PHE A 156 3.81 0.48 -17.28
N LEU A 157 4.16 -0.48 -18.14
CA LEU A 157 4.69 -0.18 -19.46
C LEU A 157 3.72 -0.67 -20.51
N ASP A 158 3.28 0.25 -21.37
CA ASP A 158 2.27 -0.01 -22.39
C ASP A 158 2.89 0.14 -23.77
N TYR A 159 2.68 -0.87 -24.63
CA TYR A 159 3.25 -0.89 -25.97
C TYR A 159 2.15 -1.12 -26.99
N ASP A 160 2.43 -0.71 -28.22
CA ASP A 160 1.50 -0.97 -29.33
C ASP A 160 1.30 -2.46 -29.55
N ASN A 161 2.40 -3.21 -29.66
CA ASN A 161 2.33 -4.64 -29.93
C ASN A 161 1.93 -5.45 -28.70
N TYR A 162 1.85 -4.83 -27.53
CA TYR A 162 1.38 -5.52 -26.34
C TYR A 162 0.81 -4.51 -25.34
N PRO A 163 -0.50 -4.29 -25.35
CA PRO A 163 -1.08 -3.27 -24.46
C PRO A 163 -1.22 -3.76 -23.03
N LEU A 164 -0.98 -2.86 -22.08
CA LEU A 164 -1.30 -3.13 -20.70
C LEU A 164 -2.82 -3.19 -20.52
N GLU A 165 -3.27 -4.13 -19.71
CA GLU A 165 -4.70 -4.30 -19.48
C GLU A 165 -4.96 -4.47 -17.98
N ILE A 166 -6.14 -4.05 -17.57
CA ILE A 166 -6.63 -4.23 -16.21
C ILE A 166 -7.81 -5.20 -16.30
N LYS A 167 -7.66 -6.37 -15.70
CA LYS A 167 -8.69 -7.40 -15.70
C LYS A 167 -9.22 -7.59 -14.28
N VAL A 168 -10.53 -7.43 -14.12
CA VAL A 168 -11.19 -7.61 -12.84
C VAL A 168 -11.95 -8.92 -12.89
N GLY A 169 -11.55 -9.87 -12.05
CA GLY A 169 -12.15 -11.18 -12.02
C GLY A 169 -11.72 -12.04 -13.20
N LYS A 170 -12.66 -12.74 -13.81
CA LYS A 170 -12.38 -13.71 -14.85
C LYS A 170 -13.04 -13.41 -16.19
N ASP A 171 -14.08 -12.59 -16.22
CA ASP A 171 -14.79 -12.29 -17.46
C ASP A 171 -14.77 -10.81 -17.83
N TYR A 172 -14.20 -9.95 -17.00
CA TYR A 172 -14.23 -8.51 -17.22
C TYR A 172 -12.84 -7.98 -17.54
N THR A 173 -12.77 -7.12 -18.56
CA THR A 173 -11.56 -6.40 -18.91
C THR A 173 -11.89 -4.92 -18.99
N LEU A 174 -11.07 -4.10 -18.33
CA LEU A 174 -11.29 -2.66 -18.32
C LEU A 174 -11.16 -2.12 -19.74
N PRO A 175 -12.19 -1.44 -20.27
CA PRO A 175 -12.08 -0.90 -21.63
C PRO A 175 -10.97 0.15 -21.71
N ARG A 176 -10.22 0.11 -22.81
CA ARG A 176 -9.10 1.03 -22.98
C ARG A 176 -9.58 2.48 -23.02
N GLU A 177 -10.79 2.72 -23.54
CA GLU A 177 -11.31 4.09 -23.57
C GLU A 177 -11.48 4.66 -22.18
N ALA A 178 -11.72 3.80 -21.18
CA ALA A 178 -11.82 4.28 -19.80
C ALA A 178 -10.47 4.77 -19.29
N ILE A 179 -9.38 4.24 -19.81
CA ILE A 179 -8.04 4.66 -19.40
C ILE A 179 -7.71 6.00 -20.03
N THR A 180 -7.26 6.94 -19.21
CA THR A 180 -6.90 8.27 -19.67
C THR A 180 -5.41 8.47 -19.87
N SER A 181 -4.58 7.81 -19.08
CA SER A 181 -3.14 7.94 -19.19
C SER A 181 -2.47 6.77 -18.48
N ILE A 182 -1.29 6.40 -18.97
CA ILE A 182 -0.50 5.31 -18.39
C ILE A 182 0.94 5.79 -18.29
N GLU A 183 1.42 5.98 -17.07
CA GLU A 183 2.82 6.27 -16.78
C GLU A 183 3.47 5.05 -16.14
N LYS A 184 4.79 5.12 -16.00
CA LYS A 184 5.52 3.98 -15.44
C LYS A 184 5.05 3.66 -14.02
N THR A 185 4.69 4.68 -13.25
CA THR A 185 4.30 4.49 -11.86
C THR A 185 2.81 4.64 -11.60
N LYS A 186 2.05 5.24 -12.51
CA LYS A 186 0.65 5.53 -12.27
C LYS A 186 -0.19 5.23 -13.49
N ILE A 187 -1.33 4.59 -13.27
CA ILE A 187 -2.35 4.36 -14.28
C ILE A 187 -3.59 5.15 -13.87
N THR A 188 -4.15 5.92 -14.80
CA THR A 188 -5.30 6.75 -14.53
C THR A 188 -6.45 6.35 -15.44
N PHE A 189 -7.63 6.12 -14.85
CA PHE A 189 -8.79 5.72 -15.63
C PHE A 189 -10.06 6.28 -14.98
N THR A 190 -11.12 6.35 -15.77
CA THR A 190 -12.44 6.76 -15.31
C THR A 190 -13.27 5.52 -15.00
N PRO A 192 -15.74 2.78 -14.73
CA PRO A 192 -16.98 2.38 -15.40
C PRO A 192 -18.10 2.14 -14.40
N GLU A 193 -19.31 2.02 -14.94
CA GLU A 193 -20.47 1.81 -14.09
C GLU A 193 -20.60 0.37 -13.60
N ASP A 194 -19.94 -0.58 -14.27
CA ASP A 194 -20.22 -1.99 -14.07
C ASP A 194 -18.94 -2.80 -13.83
N PRO A 196 -16.79 -5.23 -11.85
CA PRO A 196 -17.14 -6.22 -10.83
C PRO A 196 -16.56 -5.87 -9.47
N GLN A 197 -17.38 -6.06 -8.44
CA GLN A 197 -17.01 -5.75 -7.08
C GLN A 197 -16.52 -7.00 -6.35
N HIS A 198 -15.67 -6.78 -5.34
CA HIS A 198 -15.19 -7.87 -4.48
C HIS A 198 -14.55 -9.00 -5.28
N GLU A 199 -13.78 -8.63 -6.30
CA GLU A 199 -13.08 -9.60 -7.12
C GLU A 199 -11.65 -9.15 -7.33
N ASP A 200 -10.80 -10.12 -7.70
CA ASP A 200 -9.38 -9.85 -7.84
C ASP A 200 -9.11 -8.94 -9.04
N ILE A 201 -8.18 -8.02 -8.87
CA ILE A 201 -7.78 -7.08 -9.91
C ILE A 201 -6.36 -7.42 -10.34
N VAL A 202 -6.18 -7.61 -11.63
CA VAL A 202 -4.89 -8.03 -12.20
C VAL A 202 -4.47 -7.00 -13.24
N VAL A 203 -3.24 -6.49 -13.08
CA VAL A 203 -2.62 -5.60 -14.06
C VAL A 203 -1.63 -6.43 -14.87
N SER A 204 -1.85 -6.51 -16.18
CA SER A 204 -1.05 -7.35 -17.05
C SER A 204 -0.47 -6.52 -18.19
N ASP A 205 0.77 -6.84 -18.56
CA ASP A 205 1.40 -6.24 -19.72
C ASP A 205 2.29 -7.30 -20.37
N LYS A 206 3.25 -6.87 -21.19
CA LYS A 206 4.11 -7.80 -21.91
C LYS A 206 4.95 -8.64 -20.97
N TYR A 207 5.29 -8.13 -19.80
CA TYR A 207 6.27 -8.75 -18.92
C TYR A 207 5.65 -9.56 -17.78
N GLY A 208 4.32 -9.67 -17.73
CA GLY A 208 3.70 -10.53 -16.74
C GLY A 208 2.42 -10.00 -16.12
N SER A 209 1.81 -10.80 -15.26
CA SER A 209 0.58 -10.45 -14.55
C SER A 209 0.84 -10.45 -13.06
N THR A 210 0.26 -9.47 -12.37
CA THR A 210 0.41 -9.37 -10.92
C THR A 210 -0.91 -8.92 -10.30
N ASN A 211 -1.31 -9.60 -9.24
CA ASN A 211 -2.56 -9.30 -8.57
C ASN A 211 -2.44 -8.04 -7.73
N ALA A 212 -3.46 -7.21 -7.76
CA ALA A 212 -3.51 -6.01 -6.94
C ALA A 212 -3.84 -6.37 -5.50
N PRO A 213 -3.27 -5.65 -4.52
CA PRO A 213 -3.58 -5.94 -3.12
C PRO A 213 -4.88 -5.29 -2.66
N PHE A 214 -5.87 -5.23 -3.54
CA PHE A 214 -7.15 -4.62 -3.19
C PHE A 214 -8.20 -5.10 -4.16
N GLN A 215 -9.46 -4.92 -3.78
CA GLN A 215 -10.61 -5.23 -4.61
C GLN A 215 -11.49 -3.99 -4.72
N TYR A 216 -12.33 -3.98 -5.74
CA TYR A 216 -13.27 -2.88 -5.92
C TYR A 216 -14.40 -3.00 -4.90
N ASP A 218 -13.92 -2.93 -1.72
CA ASP A 218 -13.36 -3.97 -0.87
C ASP A 218 -14.00 -3.96 0.52
N ASN A 219 -14.51 -5.13 0.95
CA ASN A 219 -15.07 -5.26 2.29
C ASN A 219 -14.48 -6.44 3.04
N ARG A 220 -13.35 -6.97 2.59
CA ARG A 220 -12.69 -8.05 3.31
C ARG A 220 -12.12 -7.55 4.63
N GLY A 221 -12.28 -8.35 5.68
CA GLY A 221 -11.82 -7.95 7.00
C GLY A 221 -12.53 -6.72 7.51
N LEU A 223 -14.43 -4.07 9.53
CA LEU A 223 -14.65 -3.82 10.96
C LEU A 223 -15.67 -2.73 11.23
N PHE A 224 -15.54 -1.57 10.58
CA PHE A 224 -16.50 -0.47 10.74
C PHE A 224 -16.79 0.11 9.36
N ASP A 225 -17.96 -0.20 8.81
CA ASP A 225 -18.52 0.58 7.72
C ASP A 225 -19.67 1.46 8.19
N PHE A 226 -20.05 1.32 9.46
CA PHE A 226 -21.05 2.15 10.14
C PHE A 226 -22.43 2.01 9.53
N ASP A 227 -22.66 0.94 8.77
CA ASP A 227 -23.95 0.72 8.13
C ASP A 227 -24.43 -0.71 8.29
N THR A 228 -23.53 -1.68 8.12
CA THR A 228 -23.89 -3.09 8.10
C THR A 228 -23.70 -3.71 9.48
N PRO A 229 -24.67 -4.46 9.99
CA PRO A 229 -24.49 -5.11 11.28
C PRO A 229 -23.43 -6.20 11.22
N ASN A 230 -22.58 -6.23 12.24
CA ASN A 230 -21.49 -7.20 12.27
C ASN A 230 -22.05 -8.62 12.36
N SER A 231 -21.23 -9.58 11.93
CA SER A 231 -21.69 -10.95 11.75
C SER A 231 -21.86 -11.73 13.05
N VAL A 232 -21.29 -11.25 14.15
CA VAL A 232 -21.27 -12.00 15.40
C VAL A 232 -22.41 -11.59 16.33
N THR A 233 -22.53 -10.30 16.64
CA THR A 233 -23.54 -9.82 17.56
C THR A 233 -24.71 -9.11 16.89
N ASN A 234 -24.73 -9.06 15.55
CA ASN A 234 -25.80 -8.40 14.81
C ASN A 234 -25.93 -6.93 15.21
N GLU A 235 -24.79 -6.27 15.42
CA GLU A 235 -24.76 -4.86 15.79
C GLU A 235 -23.97 -4.08 14.75
N VAL A 236 -24.43 -2.86 14.48
CA VAL A 236 -23.68 -1.92 13.66
C VAL A 236 -22.72 -1.19 14.60
N LEU A 237 -21.45 -1.56 14.54
CA LEU A 237 -20.46 -1.02 15.46
C LEU A 237 -20.24 0.47 15.22
N GLY A 238 -20.06 1.21 16.31
CA GLY A 238 -19.77 2.62 16.24
C GLY A 238 -19.03 3.09 17.47
N ASN A 239 -19.61 4.03 18.20
CA ASN A 239 -19.02 4.49 19.44
C ASN A 239 -19.12 3.41 20.51
N SER A 240 -18.03 3.21 21.25
CA SER A 240 -18.02 2.30 22.38
C SER A 240 -16.92 2.69 23.36
N GLY A 241 -17.11 3.82 24.04
CA GLY A 241 -16.11 4.35 24.94
C GLY A 241 -16.61 5.55 25.70
N TRP A 242 -15.73 6.50 25.99
CA TRP A 242 -16.11 7.68 26.76
C TRP A 242 -16.52 8.85 25.88
N HIS A 243 -15.79 9.11 24.81
CA HIS A 243 -15.98 10.31 23.99
C HIS A 243 -16.57 9.90 22.64
N ASP A 244 -17.88 10.07 22.50
CA ASP A 244 -18.59 9.63 21.31
C ASP A 244 -18.37 10.59 20.15
N ARG A 245 -18.15 10.03 18.97
CA ARG A 245 -17.87 10.82 17.78
C ARG A 245 -19.09 10.84 16.86
N ILE A 246 -19.12 11.84 15.99
CA ILE A 246 -20.19 11.97 15.01
C ILE A 246 -20.18 10.77 14.07
N ILE A 247 -21.35 10.17 13.87
CA ILE A 247 -21.54 9.10 12.90
C ILE A 247 -22.84 9.41 12.18
N GLN A 248 -22.74 9.80 10.91
CA GLN A 248 -23.91 10.27 10.17
C GLN A 248 -23.67 10.05 8.68
N SER A 249 -24.70 10.33 7.90
CA SER A 249 -24.62 10.24 6.44
C SER A 249 -25.35 11.44 5.84
N ASP A 250 -24.79 11.97 4.76
CA ASP A 250 -25.38 13.10 4.06
C ASP A 250 -24.83 13.10 2.62
N ASP A 251 -24.82 14.28 1.99
CA ASP A 251 -24.42 14.40 0.59
C ASP A 251 -22.94 14.12 0.38
N THR A 252 -22.11 14.31 1.40
CA THR A 252 -20.68 14.04 1.30
C THR A 252 -20.33 12.58 1.55
N SER A 253 -21.33 11.72 1.77
CA SER A 253 -21.05 10.33 2.14
C SER A 253 -20.41 9.58 0.98
N LEU A 254 -19.45 8.72 1.33
CA LEU A 254 -18.93 7.76 0.35
C LEU A 254 -19.87 6.58 0.20
N SER A 255 -20.32 6.02 1.33
CA SER A 255 -21.29 4.93 1.31
C SER A 255 -21.96 4.90 2.69
N GLY A 256 -23.18 5.42 2.75
CA GLY A 256 -23.90 5.41 4.01
C GLY A 256 -23.22 6.28 5.06
N ASN A 257 -23.30 5.82 6.31
CA ASN A 257 -22.74 6.59 7.42
C ASN A 257 -21.22 6.63 7.34
N TYR A 258 -20.67 7.73 7.85
CA TYR A 258 -19.24 7.87 8.07
C TYR A 258 -19.01 8.32 9.50
N GLN A 260 -16.73 10.90 11.91
CA GLN A 260 -16.08 12.18 11.74
C GLN A 260 -15.28 12.54 12.98
N ILE A 261 -14.01 12.87 12.78
CA ILE A 261 -13.15 13.39 13.83
C ILE A 261 -12.98 14.89 13.61
N GLY A 262 -13.20 15.67 14.66
CA GLY A 262 -13.18 17.11 14.55
C GLY A 262 -14.47 17.65 13.96
N ASN A 263 -14.54 18.98 13.90
CA ASN A 263 -15.72 19.66 13.37
C ASN A 263 -15.33 21.08 12.98
N THR A 264 -16.27 21.77 12.36
CA THR A 264 -16.01 23.12 11.88
C THR A 264 -15.74 24.07 13.05
N GLY A 265 -14.61 24.78 12.97
CA GLY A 265 -14.26 25.74 13.99
C GLY A 265 -13.65 25.18 15.25
N VAL A 266 -13.53 23.86 15.36
CA VAL A 266 -12.89 23.24 16.53
C VAL A 266 -11.39 23.29 16.34
N THR A 267 -10.71 24.05 17.19
CA THR A 267 -9.29 24.34 16.99
C THR A 267 -8.42 23.20 17.53
N ALA A 269 -4.51 22.49 18.50
CA ALA A 269 -3.29 23.24 18.78
C ALA A 269 -2.13 22.73 17.93
N ALA A 270 -1.18 23.63 17.67
CA ALA A 270 -0.02 23.28 16.84
C ALA A 270 0.84 22.23 17.52
N ASN A 271 0.93 22.24 18.84
CA ASN A 271 1.71 21.26 19.57
C ASN A 271 0.95 19.95 19.78
N GLY A 272 -0.23 19.79 19.19
CA GLY A 272 -0.97 18.55 19.29
C GLY A 272 -1.42 18.22 20.70
N LYS A 273 -1.81 19.22 21.48
CA LYS A 273 -2.16 19.01 22.88
C LYS A 273 -3.37 18.09 23.00
N TRP A 274 -3.42 17.37 24.12
CA TRP A 274 -4.51 16.45 24.39
C TRP A 274 -5.86 17.16 24.30
N ASN A 275 -6.74 16.62 23.47
CA ASN A 275 -8.09 17.13 23.27
C ASN A 275 -8.95 15.96 22.83
N ASP A 276 -9.85 15.50 23.72
CA ASP A 276 -10.70 14.35 23.43
C ASP A 276 -11.69 14.59 22.30
N GLU A 277 -11.78 15.82 21.77
CA GLU A 277 -12.60 16.07 20.61
C GLU A 277 -12.11 15.30 19.39
N PHE A 278 -10.85 14.88 19.38
CA PHE A 278 -10.26 14.14 18.26
C PHE A 278 -9.93 12.71 18.66
N SER A 279 -10.82 12.07 19.41
CA SER A 279 -10.63 10.69 19.85
C SER A 279 -11.85 9.87 19.48
N PHE A 280 -11.66 8.84 18.67
CA PHE A 280 -12.67 7.81 18.45
C PHE A 280 -12.26 6.57 19.23
N GLU A 281 -13.21 6.01 19.99
CA GLU A 281 -12.91 4.90 20.89
C GLU A 281 -13.96 3.80 20.71
N TYR A 282 -13.50 2.61 20.30
CA TYR A 282 -14.32 1.41 20.34
C TYR A 282 -13.68 0.44 21.33
N TRP A 283 -14.33 0.27 22.48
CA TRP A 283 -13.88 -0.66 23.51
C TRP A 283 -14.82 -1.84 23.53
N ALA A 284 -14.27 -3.05 23.41
CA ALA A 284 -15.09 -4.25 23.42
C ALA A 284 -15.74 -4.45 24.77
N GLY A 285 -16.94 -5.00 24.77
CA GLY A 285 -17.71 -5.23 25.96
C GLY A 285 -18.82 -4.21 26.13
N ASN A 286 -19.72 -4.49 27.07
CA ASN A 286 -20.84 -3.60 27.36
C ASN A 286 -21.33 -3.86 28.79
N TRP A 287 -20.43 -3.67 29.76
CA TRP A 287 -20.76 -3.71 31.19
C TRP A 287 -21.37 -5.04 31.61
N ALA A 288 -20.94 -6.14 31.01
CA ALA A 288 -21.41 -7.48 31.38
C ALA A 288 -20.44 -8.11 32.36
N ASN A 289 -21.01 -8.85 33.34
CA ASN A 289 -20.22 -9.51 34.37
C ASN A 289 -20.85 -10.86 34.65
N PRO A 290 -20.27 -11.95 34.12
CA PRO A 290 -19.05 -11.99 33.30
C PRO A 290 -19.24 -11.37 31.92
N GLU A 291 -18.15 -10.91 31.31
CA GLU A 291 -18.21 -10.25 30.01
C GLU A 291 -18.30 -11.31 28.92
N THR A 292 -19.50 -11.47 28.35
CA THR A 292 -19.73 -12.45 27.31
C THR A 292 -19.46 -11.91 25.91
N TYR A 293 -19.29 -10.59 25.77
CA TYR A 293 -19.19 -9.94 24.47
C TYR A 293 -20.40 -10.22 23.59
N ALA A 294 -21.55 -10.49 24.22
CA ALA A 294 -22.80 -10.57 23.49
C ALA A 294 -23.18 -9.22 22.89
N SER A 295 -22.66 -8.13 23.45
CA SER A 295 -22.79 -6.80 22.89
C SER A 295 -21.39 -6.19 22.81
N HIS A 296 -21.11 -5.53 21.68
CA HIS A 296 -19.79 -4.96 21.37
C HIS A 296 -18.73 -6.04 21.38
N PRO A 297 -18.66 -6.87 20.34
CA PRO A 297 -17.68 -7.97 20.34
C PRO A 297 -16.26 -7.45 20.17
N ARG A 298 -15.32 -8.34 20.48
CA ARG A 298 -13.91 -8.06 20.22
C ARG A 298 -13.69 -7.95 18.72
N LEU A 299 -12.86 -7.00 18.30
CA LEU A 299 -12.64 -6.80 16.88
C LEU A 299 -11.94 -8.00 16.24
N CYS A 300 -11.16 -8.75 17.01
CA CYS A 300 -10.49 -9.93 16.49
C CYS A 300 -11.48 -11.06 16.21
N ASP A 301 -12.69 -10.98 16.73
CA ASP A 301 -13.75 -11.93 16.40
C ASP A 301 -14.62 -11.45 15.24
N VAL A 302 -14.57 -10.16 14.92
CA VAL A 302 -15.33 -9.64 13.79
C VAL A 302 -14.59 -9.86 12.48
N ALA A 303 -13.26 -9.69 12.49
CA ALA A 303 -12.43 -9.93 11.33
C ALA A 303 -11.23 -10.78 11.76
N ASP A 304 -10.65 -11.48 10.79
CA ASP A 304 -9.55 -12.40 11.06
C ASP A 304 -8.23 -11.65 11.09
N PHE A 305 -7.57 -11.64 12.24
CA PHE A 305 -6.29 -10.97 12.42
C PHE A 305 -5.12 -11.95 12.47
N SER A 306 -5.36 -13.23 12.18
CA SER A 306 -4.27 -14.19 12.16
C SER A 306 -3.24 -13.81 11.10
N ASP A 307 -1.97 -14.09 11.39
CA ASP A 307 -0.86 -13.70 10.53
CA ASP A 307 -0.85 -13.70 10.54
C ASP A 307 -0.91 -12.21 10.23
N TRP A 308 -0.97 -11.41 11.32
CA TRP A 308 -1.16 -9.97 11.18
C TRP A 308 0.01 -9.28 10.51
N THR A 309 1.21 -9.85 10.60
CA THR A 309 2.37 -9.23 9.98
C THR A 309 2.26 -9.17 8.47
N ASN A 310 1.37 -9.96 7.88
CA ASN A 310 1.10 -9.93 6.45
C ASN A 310 -0.23 -9.25 6.14
N LYS A 311 -0.69 -8.37 7.02
CA LYS A 311 -1.98 -7.71 6.86
C LYS A 311 -1.83 -6.23 7.15
N SER A 312 -2.83 -5.46 6.69
CA SER A 312 -2.80 -4.01 6.79
C SER A 312 -4.17 -3.50 7.20
N LEU A 313 -4.17 -2.40 7.96
CA LEU A 313 -5.39 -1.68 8.27
C LEU A 313 -5.66 -0.68 7.15
N LYS A 314 -6.90 -0.68 6.64
CA LYS A 314 -7.30 0.20 5.55
C LYS A 314 -8.60 0.89 5.91
N PHE A 315 -8.79 2.08 5.32
CA PHE A 315 -10.01 2.86 5.48
C PHE A 315 -10.01 3.96 4.43
N GLU A 316 -11.20 4.45 4.12
CA GLU A 316 -11.37 5.60 3.25
C GLU A 316 -11.54 6.86 4.09
N LEU A 318 -11.89 11.37 4.16
CA LEU A 318 -12.19 12.65 3.53
C LEU A 318 -11.77 13.76 4.47
N ILE A 319 -10.97 14.69 3.95
CA ILE A 319 -10.65 15.94 4.64
C ILE A 319 -11.07 17.10 3.74
N PRO A 320 -12.05 17.90 4.13
CA PRO A 320 -12.45 19.04 3.31
C PRO A 320 -11.31 20.02 3.11
N ALA A 321 -11.29 20.65 1.93
CA ALA A 321 -10.25 21.63 1.62
C ALA A 321 -10.27 22.80 2.59
N ASP A 322 -11.45 23.19 3.06
CA ASP A 322 -11.58 24.29 4.01
C ASP A 322 -11.34 23.86 5.45
N ALA A 323 -10.98 22.60 5.68
CA ALA A 323 -10.77 22.08 7.03
C ALA A 323 -9.52 21.19 7.04
N GLY A 324 -8.39 21.76 6.64
CA GLY A 324 -7.18 21.00 6.52
C GLY A 324 -6.67 20.48 7.85
N TRP A 325 -5.93 19.37 7.76
CA TRP A 325 -5.35 18.70 8.92
C TRP A 325 -3.85 18.91 8.88
N GLY A 326 -3.35 19.77 9.76
CA GLY A 326 -1.94 20.14 9.72
C GLY A 326 -1.20 19.97 11.03
N ALA A 327 -1.87 19.46 12.06
CA ALA A 327 -1.20 19.23 13.32
C ALA A 327 -1.85 18.05 14.03
N GLY A 328 -1.12 17.48 14.96
CA GLY A 328 -1.63 16.39 15.76
C GLY A 328 -1.60 15.07 15.03
N PRO A 329 -0.57 14.28 15.31
CA PRO A 329 -0.42 13.00 14.62
C PRO A 329 -1.54 12.04 14.99
N GLN A 331 -2.72 8.74 16.03
CA GLN A 331 -2.28 7.50 16.67
C GLN A 331 -3.43 6.50 16.60
N ILE A 332 -3.20 5.39 15.91
CA ILE A 332 -4.17 4.32 15.78
C ILE A 332 -3.72 3.18 16.68
N ILE A 333 -4.42 2.96 17.79
CA ILE A 333 -3.96 2.05 18.84
C ILE A 333 -4.95 0.89 18.95
N PHE A 334 -4.44 -0.32 18.72
CA PHE A 334 -5.18 -1.54 19.03
C PHE A 334 -4.87 -1.97 20.45
N GLY A 335 -5.84 -2.61 21.08
CA GLY A 335 -5.69 -2.99 22.48
C GLY A 335 -6.40 -4.28 22.78
N SER A 336 -5.85 -5.02 23.75
CA SER A 336 -6.41 -6.24 24.28
C SER A 336 -7.40 -5.92 25.40
N PRO A 337 -8.27 -6.87 25.76
CA PRO A 337 -9.14 -6.65 26.92
C PRO A 337 -8.36 -6.44 28.20
N SER A 338 -7.13 -6.95 28.28
CA SER A 338 -6.28 -6.65 29.42
C SER A 338 -5.99 -5.15 29.53
N GLN A 339 -5.98 -4.42 28.43
CA GLN A 339 -5.60 -3.01 28.45
C GLN A 339 -6.81 -2.08 28.54
N ILE A 340 -7.91 -2.43 27.86
CA ILE A 340 -9.05 -1.53 27.75
C ILE A 340 -10.28 -2.39 27.46
N SER A 341 -11.41 -1.98 28.06
CA SER A 341 -12.69 -2.62 27.81
C SER A 341 -13.79 -1.67 28.25
N LEU A 342 -14.99 -1.88 27.73
CA LEU A 342 -16.14 -1.06 28.11
C LEU A 342 -16.84 -1.74 29.28
N GLY A 343 -16.52 -1.29 30.49
CA GLY A 343 -17.12 -1.87 31.68
C GLY A 343 -16.31 -1.49 32.91
N ASN A 344 -16.54 -2.24 33.97
CA ASN A 344 -15.83 -2.05 35.22
C ASN A 344 -14.52 -2.83 35.21
N ALA A 345 -13.52 -2.29 35.90
CA ALA A 345 -12.25 -2.98 36.05
C ALA A 345 -12.41 -4.18 36.98
N GLY A 346 -11.68 -5.25 36.68
CA GLY A 346 -11.69 -6.45 37.49
C GLY A 346 -12.62 -7.54 36.98
N VAL A 347 -13.56 -7.20 36.10
CA VAL A 347 -14.44 -8.22 35.52
C VAL A 347 -13.59 -9.16 34.67
N VAL A 348 -13.92 -10.45 34.71
CA VAL A 348 -13.30 -11.45 33.85
C VAL A 348 -14.29 -11.83 32.76
N ASP A 349 -13.78 -12.09 31.56
CA ASP A 349 -14.61 -12.43 30.41
C ASP A 349 -14.61 -13.94 30.21
N VAL A 350 -15.25 -14.40 29.13
CA VAL A 350 -15.40 -15.82 28.84
C VAL A 350 -14.07 -16.41 28.40
N ASN A 351 -13.03 -15.58 28.33
CA ASN A 351 -11.70 -16.04 27.95
C ASN A 351 -10.73 -16.04 29.13
N GLY A 352 -11.20 -15.75 30.33
CA GLY A 352 -10.35 -15.74 31.51
C GLY A 352 -9.49 -14.51 31.67
N VAL A 353 -9.73 -13.47 30.88
CA VAL A 353 -8.95 -12.23 30.93
C VAL A 353 -9.56 -11.32 31.98
N THR A 354 -8.71 -10.73 32.82
CA THR A 354 -9.15 -9.72 33.78
C THR A 354 -9.25 -8.38 33.05
N LEU A 355 -10.47 -7.91 32.82
CA LEU A 355 -10.69 -6.70 32.06
C LEU A 355 -10.17 -5.48 32.79
N ALA A 356 -9.66 -4.52 32.03
CA ALA A 356 -9.15 -3.28 32.60
C ALA A 356 -10.23 -2.25 32.87
N GLY A 357 -11.41 -2.41 32.28
CA GLY A 357 -12.44 -1.40 32.42
C GLY A 357 -12.12 -0.16 31.61
N CYS A 358 -12.98 0.84 31.77
CA CYS A 358 -12.81 2.09 31.03
C CYS A 358 -11.60 2.87 31.58
N ASN A 359 -10.75 3.33 30.67
CA ASN A 359 -9.59 4.12 31.05
C ASN A 359 -9.06 4.82 29.79
N ASN A 360 -8.22 5.84 30.02
CA ASN A 360 -7.52 6.51 28.94
C ASN A 360 -6.02 6.54 29.19
N THR A 361 -5.51 5.63 30.01
CA THR A 361 -4.08 5.53 30.28
C THR A 361 -3.41 4.38 29.54
N TRP A 362 -4.19 3.47 28.96
CA TRP A 362 -3.62 2.24 28.40
C TRP A 362 -2.78 2.51 27.16
N PHE A 363 -3.09 3.57 26.40
CA PHE A 363 -2.32 3.89 25.21
C PHE A 363 -1.16 4.85 25.48
N HIS A 364 -0.97 5.27 26.72
CA HIS A 364 0.19 6.08 27.10
C HIS A 364 0.68 5.68 28.49
N ALA A 365 0.91 4.38 28.68
CA ALA A 365 1.31 3.83 29.96
C ALA A 365 2.82 3.66 30.08
N GLN A 366 3.60 4.17 29.12
CA GLN A 366 5.05 4.06 29.13
C GLN A 366 5.50 2.61 29.25
N ASN A 367 4.82 1.72 28.51
CA ASN A 367 5.13 0.29 28.55
C ASN A 367 5.60 -0.24 27.19
N GLY A 368 6.00 0.64 26.28
CA GLY A 368 6.53 0.21 25.00
C GLY A 368 5.49 -0.38 24.05
N TRP A 369 4.21 -0.06 24.24
CA TRP A 369 3.15 -0.66 23.44
C TRP A 369 3.10 -0.01 22.05
N GLY A 370 3.06 -0.85 21.02
CA GLY A 370 3.15 -0.35 19.65
C GLY A 370 1.81 0.13 19.12
N ARG A 371 1.86 1.26 18.42
CA ARG A 371 0.70 1.78 17.72
C ARG A 371 1.18 2.53 16.49
N ALA A 372 0.32 2.59 15.47
CA ALA A 372 0.64 3.31 14.25
C ALA A 372 0.35 4.80 14.42
N ILE A 373 1.23 5.63 13.86
CA ILE A 373 1.10 7.07 13.93
C ILE A 373 1.14 7.61 12.50
N TYR A 374 -0.01 8.07 12.01
CA TYR A 374 -0.17 8.55 10.64
C TYR A 374 -0.16 10.07 10.63
N PRO A 376 0.32 12.58 7.43
CA PRO A 376 0.66 13.07 6.08
C PRO A 376 0.90 14.57 6.02
N TRP A 377 0.53 15.31 7.07
CA TRP A 377 0.81 16.74 7.11
C TRP A 377 2.28 17.04 7.39
N TYR A 378 3.06 16.03 7.76
CA TYR A 378 4.50 16.19 8.03
C TYR A 378 5.25 15.58 6.85
N SER A 379 5.75 16.44 5.97
CA SER A 379 6.43 16.02 4.75
C SER A 379 7.80 16.69 4.71
N ASN A 380 8.85 15.87 4.83
CA ASN A 380 10.23 16.34 4.73
C ASN A 380 10.46 17.46 5.76
N SER A 381 10.58 17.02 7.02
CA SER A 381 10.96 17.82 8.17
C SER A 381 10.13 19.10 8.33
N SER A 382 9.02 19.23 7.60
CA SER A 382 8.21 20.43 7.64
C SER A 382 6.74 20.04 7.66
N ALA A 383 5.94 20.83 8.38
CA ALA A 383 4.53 20.59 8.56
C ALA A 383 3.72 21.56 7.71
N SER A 384 2.69 21.04 7.05
CA SER A 384 1.80 21.83 6.22
C SER A 384 0.38 21.33 6.37
N LEU A 385 -0.59 22.17 6.02
CA LEU A 385 -1.99 21.79 6.06
C LEU A 385 -2.25 20.74 4.99
N TYR A 386 -2.60 19.53 5.42
CA TYR A 386 -2.94 18.45 4.51
C TYR A 386 -4.45 18.26 4.46
N ASP A 387 -5.01 18.31 3.26
CA ASP A 387 -6.36 17.89 2.97
C ASP A 387 -6.32 16.93 1.78
N THR A 388 -7.49 16.43 1.37
CA THR A 388 -7.58 15.54 0.22
C THR A 388 -8.53 16.08 -0.85
N GLY A 389 -8.71 17.39 -0.92
CA GLY A 389 -9.48 18.01 -1.99
C GLY A 389 -10.96 17.69 -2.00
N ASP A 390 -11.54 17.31 -0.87
CA ASP A 390 -12.94 16.92 -0.73
C ASP A 390 -13.27 15.62 -1.46
N LYS A 391 -12.27 14.78 -1.72
CA LYS A 391 -12.50 13.45 -2.25
C LYS A 391 -12.17 12.40 -1.21
N TRP A 392 -12.79 11.23 -1.36
CA TRP A 392 -12.47 10.09 -0.52
C TRP A 392 -11.25 9.38 -1.08
N VAL A 393 -10.27 9.12 -0.22
CA VAL A 393 -9.05 8.41 -0.59
C VAL A 393 -8.86 7.23 0.37
N THR A 394 -8.26 6.17 -0.14
CA THR A 394 -8.00 4.97 0.65
C THR A 394 -6.62 5.07 1.30
N VAL A 395 -6.58 4.89 2.62
CA VAL A 395 -5.36 4.94 3.40
C VAL A 395 -4.99 3.54 3.83
N THR A 396 -3.73 3.16 3.61
CA THR A 396 -3.24 1.84 3.97
C THR A 396 -2.16 1.97 5.03
N ILE A 397 -2.36 1.33 6.16
CA ILE A 397 -1.38 1.33 7.25
C ILE A 397 -1.11 -0.13 7.64
N PRO A 398 0.02 -0.70 7.24
CA PRO A 398 0.29 -2.10 7.57
C PRO A 398 0.44 -2.31 9.06
N LEU A 399 -0.12 -3.42 9.55
CA LEU A 399 -0.03 -3.73 10.98
C LEU A 399 1.41 -3.85 11.43
N SER A 400 2.34 -4.15 10.52
CA SER A 400 3.75 -4.18 10.86
C SER A 400 4.29 -2.80 11.22
N ASP A 401 3.58 -1.74 10.84
CA ASP A 401 4.00 -0.37 11.15
C ASP A 401 3.40 0.15 12.45
N PHE A 402 2.72 -0.71 13.22
CA PHE A 402 2.26 -0.34 14.55
C PHE A 402 3.38 -0.55 15.56
N ASN A 403 4.54 0.05 15.31
CA ASN A 403 5.75 -0.19 16.10
C ASN A 403 6.30 1.10 16.70
N LEU A 404 5.43 2.07 16.95
CA LEU A 404 5.82 3.30 17.63
C LEU A 404 5.05 3.39 18.95
N GLU A 405 5.46 4.34 19.78
CA GLU A 405 4.84 4.56 21.08
C GLU A 405 4.43 6.02 21.19
N PHE A 406 3.68 6.33 22.21
CA PHE A 406 3.02 7.58 22.34
C PHE A 406 3.88 8.76 22.16
N ASP A 407 5.12 8.65 22.53
CA ASP A 407 6.06 9.75 22.35
C ASP A 407 6.73 9.77 20.97
N GLY A 408 6.50 8.74 20.15
CA GLY A 408 7.07 8.69 18.82
C GLY A 408 8.30 7.80 18.70
N ASN A 409 8.87 7.37 19.82
CA ASN A 409 10.02 6.47 19.78
C ASN A 409 9.59 5.08 19.36
N SER A 410 10.57 4.25 19.00
CA SER A 410 10.29 2.88 18.58
C SER A 410 9.70 2.07 19.73
N ALA A 411 8.64 1.33 19.44
CA ALA A 411 7.97 0.55 20.47
C ALA A 411 8.81 -0.67 20.86
N THR A 412 8.76 -1.03 22.13
CA THR A 412 9.52 -2.17 22.63
C THR A 412 8.69 -3.44 22.79
N LYS A 413 7.36 -3.33 22.76
CA LYS A 413 6.48 -4.49 22.82
C LYS A 413 5.62 -4.50 21.56
N SER A 414 5.69 -5.60 20.80
CA SER A 414 4.95 -5.76 19.56
C SER A 414 3.62 -6.45 19.85
N PHE A 415 2.92 -6.86 18.79
CA PHE A 415 1.72 -7.66 18.94
C PHE A 415 2.09 -9.10 19.20
N SER A 416 1.45 -9.72 20.20
CA SER A 416 1.78 -11.08 20.60
C SER A 416 0.71 -12.09 20.27
N SER A 417 -0.53 -11.65 20.05
CA SER A 417 -1.66 -12.55 19.86
C SER A 417 -2.73 -11.82 19.08
N ILE A 418 -3.66 -12.58 18.51
CA ILE A 418 -4.79 -11.96 17.83
C ILE A 418 -5.70 -11.27 18.84
N ASN A 419 -5.62 -11.66 20.11
CA ASN A 419 -6.43 -11.01 21.15
C ASN A 419 -6.06 -9.55 21.35
N ASP A 420 -4.88 -9.13 20.88
CA ASP A 420 -4.48 -7.73 21.00
C ASP A 420 -5.21 -6.82 20.03
N PHE A 421 -6.08 -7.36 19.17
CA PHE A 421 -6.89 -6.56 18.27
C PHE A 421 -8.35 -6.61 18.68
N SER A 422 -8.63 -6.39 19.96
CA SER A 422 -10.00 -6.44 20.47
C SER A 422 -10.67 -5.08 20.51
N SER A 423 -9.93 -4.03 20.90
CA SER A 423 -10.44 -2.67 20.91
C SER A 423 -9.56 -1.78 20.04
N LEU A 424 -10.11 -0.64 19.64
CA LEU A 424 -9.43 0.26 18.73
C LEU A 424 -9.66 1.70 19.17
N ASN A 425 -8.56 2.47 19.25
CA ASN A 425 -8.60 3.90 19.49
C ASN A 425 -7.96 4.63 18.31
N ILE A 426 -8.60 5.72 17.89
CA ILE A 426 -8.03 6.64 16.91
C ILE A 426 -7.98 8.01 17.57
N PHE A 427 -6.77 8.50 17.84
CA PHE A 427 -6.56 9.71 18.61
C PHE A 427 -5.57 10.60 17.89
N LEU A 428 -6.01 11.82 17.54
CA LEU A 428 -5.14 12.84 16.97
C LEU A 428 -4.46 13.56 18.12
N ILE A 429 -3.21 13.21 18.39
CA ILE A 429 -2.51 13.77 19.55
C ILE A 429 -1.02 13.58 19.35
N LYS A 430 -0.24 14.57 19.79
CA LYS A 430 1.20 14.46 19.90
C LYS A 430 1.52 14.13 21.36
N GLY A 431 2.04 12.93 21.60
CA GLY A 431 2.37 12.52 22.94
C GLY A 431 3.75 12.99 23.37
N ALA A 432 3.92 13.08 24.68
CA ALA A 432 5.18 13.54 25.26
C ALA A 432 5.41 12.78 26.57
N TYR A 433 6.24 11.75 26.52
CA TYR A 433 6.61 11.01 27.70
C TYR A 433 7.69 11.76 28.47
N ASN A 434 7.45 11.99 29.75
CA ASN A 434 8.42 12.62 30.64
C ASN A 434 8.92 13.95 30.07
N ASP A 435 7.97 14.77 29.63
CA ASP A 435 8.20 16.11 29.12
C ASP A 435 9.08 16.13 27.87
N LYS A 436 9.39 14.98 27.29
CA LYS A 436 10.23 14.89 26.10
C LYS A 436 9.43 14.22 24.98
N SER A 437 9.47 14.82 23.79
CA SER A 437 8.72 14.30 22.65
C SER A 437 9.61 14.31 21.41
N VAL A 438 9.44 13.28 20.58
CA VAL A 438 10.24 13.12 19.36
C VAL A 438 9.39 13.53 18.17
N LEU A 439 8.08 13.28 18.26
CA LEU A 439 7.18 13.72 17.20
C LEU A 439 7.20 15.25 17.09
N PRO A 440 6.87 15.79 15.91
CA PRO A 440 7.02 17.23 15.69
C PRO A 440 5.74 18.02 15.87
N ASP A 441 5.90 19.34 16.03
CA ASP A 441 4.76 20.26 16.05
C ASP A 441 4.24 20.47 14.63
N GLY A 442 3.04 21.04 14.54
CA GLY A 442 2.42 21.37 13.28
C GLY A 442 2.01 22.83 13.25
N VAL A 443 0.98 23.11 12.45
CA VAL A 443 0.38 24.42 12.36
C VAL A 443 -1.03 24.35 12.92
N GLU A 444 -1.44 25.41 13.61
CA GLU A 444 -2.78 25.45 14.20
C GLU A 444 -3.83 25.33 13.11
N CYS A 445 -4.86 24.51 13.36
CA CYS A 445 -5.84 24.20 12.34
C CYS A 445 -7.18 23.92 12.99
N THR A 446 -8.18 23.69 12.14
CA THR A 446 -9.51 23.23 12.56
C THR A 446 -9.84 22.06 11.65
N PRO A 447 -9.30 20.88 11.93
CA PRO A 447 -9.40 19.77 10.98
C PRO A 447 -10.72 19.04 11.08
N ILE A 448 -11.18 18.57 9.92
CA ILE A 448 -12.34 17.69 9.82
C ILE A 448 -11.90 16.44 9.07
N ILE A 449 -11.97 15.29 9.74
CA ILE A 449 -11.55 14.03 9.16
C ILE A 449 -12.74 13.08 9.21
N LYS A 450 -13.25 12.74 8.04
CA LYS A 450 -14.34 11.78 7.92
C LYS A 450 -13.75 10.43 7.51
N ILE A 451 -14.13 9.39 8.24
CA ILE A 451 -13.57 8.06 8.05
C ILE A 451 -14.71 7.08 7.82
N ASP A 452 -14.51 6.16 6.88
CA ASP A 452 -15.45 5.07 6.69
C ASP A 452 -14.66 3.86 6.18
N ASN A 453 -15.25 2.68 6.36
CA ASN A 453 -14.70 1.44 5.84
C ASN A 453 -13.36 1.08 6.48
N ILE A 454 -13.32 1.12 7.81
CA ILE A 454 -12.17 0.63 8.55
C ILE A 454 -12.14 -0.89 8.46
N ARG A 455 -11.07 -1.44 7.88
CA ARG A 455 -10.98 -2.87 7.63
C ARG A 455 -9.53 -3.31 7.77
N VAL A 456 -9.33 -4.62 7.90
CA VAL A 456 -8.00 -5.23 7.89
C VAL A 456 -7.93 -6.23 6.74
N VAL A 457 -6.88 -6.11 5.92
CA VAL A 457 -6.83 -6.78 4.63
C VAL A 457 -5.43 -7.35 4.42
N PRO A 458 -5.34 -8.48 3.72
CA PRO A 458 -4.01 -9.03 3.42
C PRO A 458 -3.16 -8.05 2.61
N ASN A 459 -1.86 -8.06 2.89
CA ASN A 459 -0.94 -7.20 2.15
C ASN A 459 -0.87 -7.59 0.69
N LYS A 460 -1.13 -8.86 0.37
CA LYS A 460 -1.23 -9.31 -1.01
C LYS A 460 -2.49 -10.17 -1.16
#